data_8ZNE
#
_entry.id   8ZNE
#
_cell.length_a   1.00
_cell.length_b   1.00
_cell.length_c   1.00
_cell.angle_alpha   90.00
_cell.angle_beta   90.00
_cell.angle_gamma   90.00
#
_symmetry.space_group_name_H-M   'P 1'
#
loop_
_entity.id
_entity.type
_entity.pdbx_description
1 polymer 'Glutamate dehydrogenase'
2 non-polymer 'NADP NICOTINAMIDE-ADENINE-DINUCLEOTIDE PHOSPHATE'
3 non-polymer 'GLUTAMIC ACID'
4 water water
#
_entity_poly.entity_id   1
_entity_poly.type   'polypeptide(L)'
_entity_poly.pdbx_seq_one_letter_code
;IDPFEMAVKQLERAAQYMDISEEALEWLKKPMRIVEVSVPIEMDDGSVKVFTGFRVQHNWARGPTKGGIRWHPAETLSTV
KALATFMTWKVAVVDLPYGGGKGGIIVNPKELSEREQERLARAYIRAVYDVIGPWTDIPAPDVYTNPKIMGWMMDEYETI
MRRKGPAFGVITGKPLSIGGSLGRGTATAQGAIFTIREAAKALGIDLKGKKIAVQGYGNAGYYTAKLAKEQLGMTVVAVS
DSRGGIYNPDGLDPDEVLKWKREHGSVKDFPGATNITNEELLELEVDVLAPAAIEEVITEKNADNIKAKIVAEVANGPVT
PEADDILREKGILQIPDFLCNAGGVTVSYFEWVQNINGYYWTEEEVREKLDKKMTKAFWEVYNTHKDKNIHMRDAAYVVA
VSRVYQAMKDRGWVKK
;
_entity_poly.pdbx_strand_id   A
#
loop_
_chem_comp.id
_chem_comp.type
_chem_comp.name
_chem_comp.formula
NAP non-polymer 'NADP NICOTINAMIDE-ADENINE-DINUCLEOTIDE PHOSPHATE' 'C21 H28 N7 O17 P3'
#
# COMPACT_ATOMS: atom_id res chain seq x y z
N ILE A 1 3.45 9.72 -17.90
CA ILE A 1 4.26 8.83 -18.73
C ILE A 1 4.14 7.43 -18.15
N ASP A 2 4.77 6.46 -18.83
CA ASP A 2 4.56 5.05 -18.55
C ASP A 2 4.87 4.72 -17.09
N PRO A 3 3.95 4.06 -16.37
CA PRO A 3 4.17 3.79 -14.94
C PRO A 3 5.40 2.94 -14.66
N PHE A 4 5.61 1.91 -15.48
CA PHE A 4 6.77 1.05 -15.28
C PHE A 4 8.06 1.81 -15.57
N GLU A 5 8.04 2.67 -16.59
CA GLU A 5 9.20 3.51 -16.87
C GLU A 5 9.49 4.43 -15.69
N MET A 6 8.44 4.99 -15.08
CA MET A 6 8.62 5.83 -13.90
C MET A 6 9.25 5.05 -12.75
N ALA A 7 8.75 3.84 -12.49
CA ALA A 7 9.31 3.02 -11.41
C ALA A 7 10.77 2.67 -11.67
N VAL A 8 11.09 2.27 -12.91
CA VAL A 8 12.46 1.90 -13.24
C VAL A 8 13.38 3.12 -13.15
N LYS A 9 12.92 4.29 -13.60
CA LYS A 9 13.74 5.49 -13.51
C LYS A 9 13.97 5.90 -12.05
N GLN A 10 12.94 5.75 -11.21
CA GLN A 10 13.09 6.04 -9.79
C GLN A 10 14.11 5.11 -9.15
N LEU A 11 14.06 3.82 -9.49
CA LEU A 11 15.06 2.88 -8.99
C LEU A 11 16.46 3.23 -9.49
N GLU A 12 16.59 3.62 -10.76
CA GLU A 12 17.89 4.02 -11.29
C GLU A 12 18.44 5.23 -10.54
N ARG A 13 17.60 6.23 -10.30
CA ARG A 13 18.06 7.43 -9.61
C ARG A 13 18.43 7.12 -8.17
N ALA A 14 17.72 6.21 -7.52
CA ALA A 14 18.05 5.81 -6.17
C ALA A 14 19.27 4.89 -6.10
N ALA A 15 19.63 4.24 -7.21
CA ALA A 15 20.81 3.40 -7.26
C ALA A 15 22.12 4.19 -7.20
N GLN A 16 22.06 5.51 -7.32
CA GLN A 16 23.23 6.37 -7.28
C GLN A 16 23.87 6.45 -5.90
N TYR A 17 23.10 6.17 -4.84
CA TYR A 17 23.55 6.38 -3.46
C TYR A 17 23.88 5.07 -2.76
N MET A 18 24.21 4.04 -3.53
CA MET A 18 24.46 2.72 -2.97
C MET A 18 25.27 1.91 -3.98
N ASP A 19 26.07 0.99 -3.44
CA ASP A 19 26.96 0.16 -4.25
C ASP A 19 26.20 -1.07 -4.72
N ILE A 20 25.90 -1.13 -6.02
CA ILE A 20 25.22 -2.26 -6.63
C ILE A 20 25.87 -2.53 -7.97
N SER A 21 26.03 -3.80 -8.31
CA SER A 21 26.62 -4.17 -9.59
C SER A 21 25.65 -3.85 -10.73
N GLU A 22 26.21 -3.71 -11.93
CA GLU A 22 25.38 -3.43 -13.11
C GLU A 22 24.46 -4.59 -13.42
N GLU A 23 24.97 -5.83 -13.33
CA GLU A 23 24.16 -6.99 -13.64
C GLU A 23 22.97 -7.13 -12.70
N ALA A 24 23.18 -6.85 -11.41
CA ALA A 24 22.07 -6.90 -10.45
C ALA A 24 21.04 -5.82 -10.73
N LEU A 25 21.49 -4.61 -11.08
CA LEU A 25 20.56 -3.55 -11.41
C LEU A 25 19.74 -3.87 -12.65
N GLU A 26 20.38 -4.43 -13.68
CA GLU A 26 19.65 -4.88 -14.86
C GLU A 26 18.68 -6.00 -14.54
N TRP A 27 19.06 -6.91 -13.63
CA TRP A 27 18.13 -7.93 -13.16
C TRP A 27 16.91 -7.32 -12.49
N LEU A 28 17.11 -6.33 -11.62
CA LEU A 28 16.03 -5.69 -10.88
C LEU A 28 15.20 -4.76 -11.74
N LYS A 29 15.71 -4.34 -12.90
CA LYS A 29 14.98 -3.44 -13.79
C LYS A 29 13.85 -4.13 -14.53
N LYS A 30 13.81 -5.46 -14.52
CA LYS A 30 12.75 -6.18 -15.21
C LYS A 30 12.11 -7.24 -14.33
N PRO A 31 10.81 -7.46 -14.45
CA PRO A 31 10.16 -8.50 -13.65
C PRO A 31 10.64 -9.89 -14.05
N MET A 32 10.64 -10.80 -13.07
CA MET A 32 11.17 -12.14 -13.31
C MET A 32 10.18 -13.00 -14.10
N ARG A 33 8.88 -12.80 -13.87
CA ARG A 33 7.87 -13.59 -14.57
C ARG A 33 6.58 -12.79 -14.70
N ILE A 34 6.09 -12.67 -15.93
CA ILE A 34 4.85 -11.95 -16.23
C ILE A 34 3.88 -12.93 -16.87
N VAL A 35 2.67 -13.00 -16.33
CA VAL A 35 1.63 -13.89 -16.83
C VAL A 35 0.42 -13.07 -17.24
N GLU A 36 0.00 -13.22 -18.50
CA GLU A 36 -1.22 -12.59 -19.03
C GLU A 36 -2.13 -13.73 -19.50
N VAL A 37 -3.35 -13.74 -19.01
CA VAL A 37 -4.27 -14.83 -19.24
C VAL A 37 -5.62 -14.30 -19.69
N SER A 38 -6.41 -15.17 -20.31
CA SER A 38 -7.80 -14.90 -20.63
C SER A 38 -8.70 -15.42 -19.51
N VAL A 39 -9.59 -14.54 -19.04
CA VAL A 39 -10.49 -14.89 -17.93
C VAL A 39 -11.92 -14.89 -18.46
N PRO A 40 -12.46 -16.06 -18.84
CA PRO A 40 -13.84 -16.12 -19.34
C PRO A 40 -14.83 -16.40 -18.23
N ILE A 41 -15.99 -15.77 -18.29
CA ILE A 41 -17.09 -16.03 -17.36
C ILE A 41 -18.39 -16.09 -18.15
N GLU A 42 -19.41 -16.68 -17.53
CA GLU A 42 -20.76 -16.64 -18.07
C GLU A 42 -21.52 -15.48 -17.45
N MET A 43 -21.95 -14.54 -18.29
CA MET A 43 -22.69 -13.39 -17.83
C MET A 43 -24.13 -13.78 -17.49
N ASP A 44 -24.84 -12.85 -16.85
CA ASP A 44 -26.21 -13.13 -16.43
C ASP A 44 -27.15 -13.26 -17.62
N ASP A 45 -26.75 -12.75 -18.79
CA ASP A 45 -27.55 -12.92 -19.99
C ASP A 45 -27.22 -14.22 -20.72
N GLY A 46 -26.36 -15.04 -20.15
CA GLY A 46 -25.98 -16.30 -20.73
C GLY A 46 -24.80 -16.26 -21.70
N SER A 47 -24.30 -15.08 -22.05
CA SER A 47 -23.21 -14.93 -22.99
C SER A 47 -21.88 -15.07 -22.27
N VAL A 48 -20.86 -15.58 -22.97
CA VAL A 48 -19.53 -15.75 -22.41
C VAL A 48 -18.69 -14.55 -22.83
N LYS A 49 -18.12 -13.85 -21.85
CA LYS A 49 -17.27 -12.69 -22.08
C LYS A 49 -15.89 -12.97 -21.51
N VAL A 50 -14.86 -12.68 -22.29
CA VAL A 50 -13.48 -12.97 -21.92
C VAL A 50 -12.79 -11.69 -21.47
N PHE A 51 -12.19 -11.73 -20.30
CA PHE A 51 -11.46 -10.61 -19.72
C PHE A 51 -9.96 -10.89 -19.77
N THR A 52 -9.17 -9.82 -19.68
CA THR A 52 -7.72 -9.92 -19.68
C THR A 52 -7.23 -9.74 -18.25
N GLY A 53 -6.52 -10.74 -17.74
CA GLY A 53 -5.97 -10.71 -16.41
C GLY A 53 -4.46 -10.80 -16.41
N PHE A 54 -3.84 -10.10 -15.46
CA PHE A 54 -2.40 -10.07 -15.34
C PHE A 54 -1.99 -10.66 -14.00
N ARG A 55 -0.79 -11.25 -13.98
CA ARG A 55 -0.12 -11.58 -12.74
C ARG A 55 1.39 -11.41 -12.90
N VAL A 56 1.97 -10.51 -12.14
CA VAL A 56 3.39 -10.18 -12.27
C VAL A 56 4.11 -10.57 -10.98
N GLN A 57 5.19 -11.34 -11.14
CA GLN A 57 6.06 -11.71 -10.03
C GLN A 57 7.41 -11.06 -10.31
N HIS A 58 7.64 -9.90 -9.69
CA HIS A 58 8.82 -9.09 -9.98
C HIS A 58 10.11 -9.75 -9.51
N ASN A 59 10.11 -10.29 -8.29
CA ASN A 59 11.32 -10.83 -7.70
C ASN A 59 10.95 -11.68 -6.50
N TRP A 60 11.50 -12.89 -6.43
CA TRP A 60 11.23 -13.80 -5.33
C TRP A 60 12.53 -14.28 -4.68
N ALA A 61 13.54 -13.41 -4.65
CA ALA A 61 14.80 -13.74 -4.00
C ALA A 61 14.63 -13.92 -2.49
N ARG A 62 13.84 -13.06 -1.85
CA ARG A 62 13.72 -13.12 -0.40
C ARG A 62 12.57 -14.02 0.05
N GLY A 63 11.79 -14.55 -0.89
CA GLY A 63 10.68 -15.41 -0.55
C GLY A 63 9.57 -15.32 -1.57
N PRO A 64 8.43 -15.96 -1.27
CA PRO A 64 7.29 -15.91 -2.21
C PRO A 64 6.81 -14.49 -2.42
N THR A 65 6.38 -14.21 -3.65
CA THR A 65 5.91 -12.87 -3.98
C THR A 65 4.57 -12.59 -3.29
N LYS A 66 4.31 -11.30 -3.07
CA LYS A 66 3.11 -10.86 -2.36
C LYS A 66 2.62 -9.56 -2.96
N GLY A 67 1.35 -9.51 -3.34
CA GLY A 67 0.78 -8.31 -3.91
C GLY A 67 -0.72 -8.44 -4.16
N GLY A 68 -1.41 -7.30 -4.25
CA GLY A 68 -2.85 -7.33 -4.37
C GLY A 68 -3.31 -7.52 -5.81
N ILE A 69 -4.63 -7.69 -5.96
CA ILE A 69 -5.27 -7.84 -7.26
C ILE A 69 -6.14 -6.62 -7.52
N ARG A 70 -6.03 -6.07 -8.73
CA ARG A 70 -6.76 -4.87 -9.10
C ARG A 70 -7.87 -5.23 -10.08
N TRP A 71 -9.09 -4.75 -9.79
CA TRP A 71 -10.20 -4.86 -10.73
C TRP A 71 -10.58 -3.45 -11.15
N HIS A 72 -9.88 -2.94 -12.15
CA HIS A 72 -10.12 -1.58 -12.59
C HIS A 72 -10.19 -1.51 -14.11
N PRO A 73 -11.15 -0.76 -14.66
CA PRO A 73 -11.27 -0.66 -16.12
C PRO A 73 -10.07 0.00 -16.79
N ALA A 74 -9.27 0.78 -16.06
CA ALA A 74 -8.09 1.44 -16.60
C ALA A 74 -6.80 0.72 -16.21
N GLU A 75 -6.85 -0.61 -16.08
CA GLU A 75 -5.69 -1.37 -15.64
C GLU A 75 -4.92 -1.91 -16.84
N THR A 76 -3.61 -1.73 -16.80
CA THR A 76 -2.72 -2.18 -17.86
C THR A 76 -1.62 -3.05 -17.28
N LEU A 77 -0.88 -3.72 -18.17
CA LEU A 77 0.25 -4.52 -17.72
C LEU A 77 1.36 -3.67 -17.14
N SER A 78 1.58 -2.47 -17.71
CA SER A 78 2.63 -1.59 -17.22
C SER A 78 2.37 -1.15 -15.79
N THR A 79 1.12 -0.83 -15.47
CA THR A 79 0.77 -0.42 -14.11
C THR A 79 0.98 -1.57 -13.12
N VAL A 80 0.61 -2.78 -13.51
CA VAL A 80 0.79 -3.94 -12.64
C VAL A 80 2.27 -4.21 -12.42
N LYS A 81 3.08 -4.08 -13.47
CA LYS A 81 4.53 -4.26 -13.33
C LYS A 81 5.12 -3.22 -12.39
N ALA A 82 4.69 -1.96 -12.53
CA ALA A 82 5.20 -0.92 -11.65
C ALA A 82 4.82 -1.19 -10.19
N LEU A 83 3.58 -1.60 -9.96
CA LEU A 83 3.14 -1.86 -8.59
C LEU A 83 3.84 -3.08 -8.00
N ALA A 84 4.13 -4.08 -8.83
CA ALA A 84 4.88 -5.23 -8.35
C ALA A 84 6.31 -4.84 -7.97
N THR A 85 6.95 -4.00 -8.79
CA THR A 85 8.27 -3.50 -8.45
C THR A 85 8.24 -2.73 -7.13
N PHE A 86 7.20 -1.92 -6.92
CA PHE A 86 7.08 -1.19 -5.67
C PHE A 86 6.82 -2.14 -4.50
N MET A 87 6.07 -3.22 -4.74
CA MET A 87 5.80 -4.20 -3.69
C MET A 87 7.08 -4.90 -3.25
N THR A 88 7.99 -5.14 -4.19
CA THR A 88 9.29 -5.72 -3.83
C THR A 88 10.00 -4.86 -2.80
N TRP A 89 10.10 -3.56 -3.06
CA TRP A 89 10.74 -2.66 -2.11
C TRP A 89 9.95 -2.57 -0.81
N LYS A 90 8.62 -2.56 -0.90
CA LYS A 90 7.80 -2.44 0.29
C LYS A 90 8.02 -3.61 1.24
N VAL A 91 8.06 -4.83 0.71
CA VAL A 91 8.32 -5.98 1.58
C VAL A 91 9.77 -6.07 1.98
N ALA A 92 10.70 -5.52 1.19
CA ALA A 92 12.10 -5.55 1.59
C ALA A 92 12.43 -4.56 2.70
N VAL A 93 11.77 -3.40 2.74
CA VAL A 93 12.12 -2.38 3.73
C VAL A 93 11.70 -2.77 5.14
N VAL A 94 10.59 -3.48 5.30
CA VAL A 94 10.12 -3.89 6.62
C VAL A 94 10.58 -5.31 6.99
N ASP A 95 11.58 -5.84 6.28
CA ASP A 95 12.21 -7.12 6.61
C ASP A 95 11.19 -8.25 6.65
N LEU A 96 10.56 -8.49 5.51
CA LEU A 96 9.63 -9.60 5.38
C LEU A 96 10.20 -10.67 4.46
N PRO A 97 9.98 -11.95 4.76
CA PRO A 97 10.48 -13.02 3.88
C PRO A 97 9.62 -13.18 2.63
N TYR A 98 9.44 -12.06 1.93
CA TYR A 98 8.57 -11.99 0.76
C TYR A 98 9.29 -11.40 -0.43
N GLY A 99 8.76 -11.68 -1.63
CA GLY A 99 9.12 -10.93 -2.80
C GLY A 99 7.98 -10.02 -3.20
N GLY A 100 8.14 -9.28 -4.29
CA GLY A 100 7.09 -8.39 -4.73
C GLY A 100 6.26 -8.92 -5.87
N GLY A 101 4.94 -8.81 -5.76
CA GLY A 101 4.05 -9.26 -6.80
C GLY A 101 2.89 -8.31 -6.96
N LYS A 102 2.08 -8.58 -8.00
CA LYS A 102 0.91 -7.78 -8.31
C LYS A 102 0.09 -8.49 -9.37
N GLY A 103 -1.22 -8.28 -9.31
CA GLY A 103 -2.12 -8.82 -10.30
C GLY A 103 -3.23 -7.84 -10.60
N GLY A 104 -3.96 -8.13 -11.67
CA GLY A 104 -5.05 -7.27 -12.07
C GLY A 104 -5.94 -7.85 -13.15
N ILE A 105 -7.18 -7.33 -13.25
CA ILE A 105 -8.11 -7.72 -14.31
C ILE A 105 -8.69 -6.44 -14.89
N ILE A 106 -8.66 -6.32 -16.21
CA ILE A 106 -9.29 -5.18 -16.89
C ILE A 106 -10.79 -5.41 -16.90
N VAL A 107 -11.50 -4.74 -15.99
CA VAL A 107 -12.92 -4.98 -15.79
C VAL A 107 -13.49 -3.83 -14.97
N ASN A 108 -14.79 -3.59 -15.14
CA ASN A 108 -15.51 -2.64 -14.29
C ASN A 108 -16.40 -3.42 -13.34
N PRO A 109 -16.03 -3.57 -12.06
CA PRO A 109 -16.85 -4.36 -11.13
C PRO A 109 -18.24 -3.81 -10.89
N LYS A 110 -18.47 -2.50 -11.08
CA LYS A 110 -19.80 -1.96 -10.88
C LYS A 110 -20.80 -2.55 -11.87
N GLU A 111 -20.39 -2.71 -13.12
CA GLU A 111 -21.28 -3.26 -14.13
C GLU A 111 -21.50 -4.75 -13.96
N LEU A 112 -20.57 -5.46 -13.32
CA LEU A 112 -20.77 -6.87 -13.02
C LEU A 112 -21.65 -7.04 -11.79
N SER A 113 -22.42 -8.12 -11.79
CA SER A 113 -23.26 -8.47 -10.65
C SER A 113 -22.50 -9.37 -9.68
N GLU A 114 -23.19 -9.74 -8.59
CA GLU A 114 -22.56 -10.55 -7.55
C GLU A 114 -22.12 -11.90 -8.08
N ARG A 115 -23.02 -12.58 -8.81
CA ARG A 115 -22.68 -13.88 -9.39
C ARG A 115 -21.58 -13.74 -10.43
N GLU A 116 -21.65 -12.68 -11.25
CA GLU A 116 -20.59 -12.44 -12.23
C GLU A 116 -19.26 -12.17 -11.54
N GLN A 117 -19.28 -11.44 -10.41
CA GLN A 117 -18.05 -11.20 -9.67
C GLN A 117 -17.46 -12.50 -9.13
N GLU A 118 -18.31 -13.37 -8.58
CA GLU A 118 -17.80 -14.66 -8.08
C GLU A 118 -17.24 -15.50 -9.22
N ARG A 119 -17.94 -15.52 -10.36
CA ARG A 119 -17.44 -16.24 -11.52
C ARG A 119 -16.09 -15.68 -11.97
N LEU A 120 -15.94 -14.35 -11.96
CA LEU A 120 -14.69 -13.73 -12.37
C LEU A 120 -13.56 -14.10 -11.44
N ALA A 121 -13.81 -14.07 -10.12
CA ALA A 121 -12.78 -14.47 -9.17
C ALA A 121 -12.35 -15.91 -9.37
N ARG A 122 -13.32 -16.82 -9.51
CA ARG A 122 -13.00 -18.23 -9.67
C ARG A 122 -12.27 -18.48 -10.98
N ALA A 123 -12.67 -17.80 -12.06
CA ALA A 123 -12.00 -17.98 -13.35
C ALA A 123 -10.59 -17.43 -13.33
N TYR A 124 -10.38 -16.30 -12.65
CA TYR A 124 -9.03 -15.78 -12.49
C TYR A 124 -8.14 -16.76 -11.75
N ILE A 125 -8.67 -17.37 -10.67
CA ILE A 125 -7.89 -18.39 -9.99
C ILE A 125 -7.62 -19.60 -10.87
N ARG A 126 -8.60 -20.12 -11.59
CA ARG A 126 -8.38 -21.24 -12.49
C ARG A 126 -7.38 -20.93 -13.58
N ALA A 127 -7.30 -19.68 -14.04
CA ALA A 127 -6.34 -19.28 -15.04
C ALA A 127 -4.92 -19.09 -14.50
N VAL A 128 -4.76 -18.56 -13.29
CA VAL A 128 -3.42 -18.23 -12.79
C VAL A 128 -2.93 -19.22 -11.74
N TYR A 129 -3.66 -20.32 -11.56
CA TYR A 129 -3.32 -21.32 -10.55
C TYR A 129 -1.88 -21.82 -10.63
N ASP A 130 -1.35 -22.05 -11.83
CA ASP A 130 -0.06 -22.69 -12.01
C ASP A 130 1.11 -21.83 -11.54
N VAL A 131 0.87 -20.55 -11.25
CA VAL A 131 1.96 -19.65 -10.88
C VAL A 131 1.72 -19.04 -9.50
N ILE A 132 0.66 -19.44 -8.83
CA ILE A 132 0.35 -18.96 -7.51
C ILE A 132 0.36 -20.12 -6.53
N GLY A 133 0.47 -19.80 -5.24
CA GLY A 133 0.48 -20.80 -4.20
C GLY A 133 0.91 -20.21 -2.86
N PRO A 134 0.65 -20.94 -1.78
CA PRO A 134 1.01 -20.41 -0.45
C PRO A 134 2.49 -20.14 -0.28
N TRP A 135 3.35 -20.89 -0.96
CA TRP A 135 4.79 -20.65 -0.92
C TRP A 135 5.33 -20.10 -2.24
N THR A 136 4.44 -19.75 -3.16
CA THR A 136 4.84 -19.25 -4.47
C THR A 136 4.45 -17.80 -4.66
N ASP A 137 3.16 -17.50 -4.51
CA ASP A 137 2.60 -16.19 -4.79
C ASP A 137 1.30 -16.03 -4.01
N ILE A 138 1.27 -15.04 -3.11
CA ILE A 138 0.11 -14.82 -2.27
C ILE A 138 -0.57 -13.52 -2.67
N PRO A 139 -1.72 -13.57 -3.33
CA PRO A 139 -2.46 -12.33 -3.64
C PRO A 139 -3.09 -11.72 -2.39
N ALA A 140 -3.75 -10.58 -2.61
CA ALA A 140 -4.31 -9.76 -1.54
C ALA A 140 -5.36 -8.82 -2.11
N PRO A 141 -6.21 -8.21 -1.28
CA PRO A 141 -7.17 -7.23 -1.80
C PRO A 141 -6.49 -5.94 -2.24
N ASP A 142 -7.09 -5.30 -3.23
CA ASP A 142 -6.66 -3.98 -3.66
C ASP A 142 -7.89 -3.25 -4.20
N VAL A 143 -7.72 -2.21 -5.00
CA VAL A 143 -8.84 -1.37 -5.45
C VAL A 143 -9.92 -2.23 -6.10
N TYR A 144 -11.17 -2.01 -5.70
CA TYR A 144 -12.34 -2.71 -6.24
C TYR A 144 -12.24 -4.22 -6.02
N THR A 145 -11.53 -4.60 -4.96
CA THR A 145 -11.42 -6.00 -4.58
C THR A 145 -11.47 -6.06 -3.06
N ASN A 146 -12.23 -7.00 -2.51
CA ASN A 146 -12.56 -7.01 -1.09
C ASN A 146 -12.41 -8.40 -0.49
N PRO A 147 -12.55 -8.54 0.84
CA PRO A 147 -12.42 -9.88 1.43
C PRO A 147 -13.41 -10.91 0.90
N LYS A 148 -14.57 -10.49 0.38
CA LYS A 148 -15.50 -11.44 -0.21
C LYS A 148 -14.89 -12.13 -1.43
N ILE A 149 -14.26 -11.34 -2.31
CA ILE A 149 -13.56 -11.90 -3.45
C ILE A 149 -12.39 -12.76 -3.00
N MET A 150 -11.72 -12.34 -1.92
CA MET A 150 -10.65 -13.15 -1.33
C MET A 150 -11.16 -14.52 -0.93
N GLY A 151 -12.32 -14.57 -0.28
CA GLY A 151 -12.89 -15.85 0.11
C GLY A 151 -13.24 -16.72 -1.08
N TRP A 152 -13.86 -16.12 -2.11
CA TRP A 152 -14.16 -16.89 -3.32
C TRP A 152 -12.89 -17.45 -3.95
N MET A 153 -11.85 -16.63 -4.05
CA MET A 153 -10.61 -17.06 -4.67
C MET A 153 -9.94 -18.17 -3.86
N MET A 154 -9.95 -18.04 -2.54
CA MET A 154 -9.36 -19.08 -1.69
C MET A 154 -10.13 -20.38 -1.84
N ASP A 155 -11.46 -20.30 -1.89
CA ASP A 155 -12.27 -21.50 -2.06
C ASP A 155 -11.97 -22.17 -3.40
N GLU A 156 -11.86 -21.39 -4.47
CA GLU A 156 -11.55 -21.98 -5.77
C GLU A 156 -10.16 -22.63 -5.77
N TYR A 157 -9.18 -21.95 -5.18
CA TYR A 157 -7.84 -22.52 -5.11
C TYR A 157 -7.82 -23.82 -4.31
N GLU A 158 -8.55 -23.85 -3.20
CA GLU A 158 -8.63 -25.08 -2.40
C GLU A 158 -9.32 -26.19 -3.18
N THR A 159 -10.36 -25.86 -3.93
CA THR A 159 -11.03 -26.87 -4.74
C THR A 159 -10.07 -27.46 -5.77
N ILE A 160 -9.25 -26.62 -6.39
CA ILE A 160 -8.30 -27.15 -7.37
C ILE A 160 -7.18 -27.94 -6.70
N MET A 161 -6.68 -27.49 -5.55
CA MET A 161 -5.53 -28.12 -4.92
C MET A 161 -5.91 -29.40 -4.17
N ARG A 162 -7.22 -29.65 -4.00
CA ARG A 162 -7.72 -30.89 -3.38
C ARG A 162 -7.28 -31.00 -1.92
N ARG A 163 -7.13 -29.86 -1.25
CA ARG A 163 -6.88 -29.79 0.19
C ARG A 163 -5.62 -30.57 0.58
N LYS A 164 -4.62 -30.54 -0.30
CA LYS A 164 -3.38 -31.26 -0.06
C LYS A 164 -2.33 -30.43 0.67
N GLY A 165 -2.64 -29.17 0.98
CA GLY A 165 -1.73 -28.31 1.71
C GLY A 165 -2.49 -27.18 2.36
N PRO A 166 -1.77 -26.22 2.95
CA PRO A 166 -2.46 -25.08 3.56
C PRO A 166 -3.05 -24.16 2.49
N ALA A 167 -4.36 -24.26 2.29
CA ALA A 167 -5.05 -23.48 1.28
C ALA A 167 -5.42 -22.09 1.75
N PHE A 168 -5.57 -21.89 3.06
CA PHE A 168 -5.85 -20.57 3.59
C PHE A 168 -4.71 -19.59 3.35
N GLY A 169 -3.48 -20.06 3.26
CA GLY A 169 -2.33 -19.21 3.05
C GLY A 169 -2.09 -18.77 1.62
N VAL A 170 -2.87 -19.26 0.67
CA VAL A 170 -2.70 -18.83 -0.72
C VAL A 170 -3.08 -17.38 -0.93
N ILE A 171 -3.96 -16.83 -0.10
CA ILE A 171 -4.44 -15.47 -0.27
C ILE A 171 -4.73 -14.87 1.10
N THR A 172 -4.48 -13.56 1.23
CA THR A 172 -4.67 -12.86 2.49
C THR A 172 -5.76 -11.80 2.32
N GLY A 173 -6.13 -11.19 3.45
CA GLY A 173 -7.21 -10.24 3.44
C GLY A 173 -8.59 -10.86 3.29
N LYS A 174 -8.77 -12.07 3.79
CA LYS A 174 -10.02 -12.80 3.68
C LYS A 174 -10.81 -12.72 4.98
N PRO A 175 -12.09 -13.10 4.96
CA PRO A 175 -12.91 -12.93 6.17
C PRO A 175 -12.41 -13.77 7.33
N LEU A 176 -12.78 -13.32 8.54
CA LEU A 176 -12.34 -14.00 9.76
C LEU A 176 -12.88 -15.41 9.85
N SER A 177 -14.03 -15.68 9.21
CA SER A 177 -14.62 -17.01 9.26
C SER A 177 -13.70 -18.04 8.62
N ILE A 178 -13.04 -17.67 7.53
CA ILE A 178 -12.12 -18.58 6.86
C ILE A 178 -10.71 -18.00 6.83
N GLY A 179 -9.93 -18.30 7.87
CA GLY A 179 -8.52 -17.99 7.91
C GLY A 179 -8.12 -16.52 7.91
N GLY A 180 -9.04 -15.64 8.26
CA GLY A 180 -8.78 -14.21 8.30
C GLY A 180 -7.96 -13.84 9.52
N SER A 181 -7.47 -12.60 9.56
CA SER A 181 -6.65 -12.12 10.66
C SER A 181 -7.29 -10.91 11.32
N LEU A 182 -6.99 -10.74 12.61
CA LEU A 182 -7.41 -9.55 13.34
C LEU A 182 -6.47 -8.39 13.02
N GLY A 183 -7.04 -7.20 12.92
CA GLY A 183 -6.27 -6.01 12.63
C GLY A 183 -6.02 -5.75 11.16
N ARG A 184 -6.61 -6.54 10.27
CA ARG A 184 -6.41 -6.37 8.82
C ARG A 184 -7.08 -5.10 8.33
N GLY A 185 -8.28 -4.81 8.82
CA GLY A 185 -9.03 -3.67 8.32
C GLY A 185 -8.36 -2.34 8.53
N THR A 186 -7.65 -2.17 9.65
CA THR A 186 -6.99 -0.91 10.00
C THR A 186 -5.47 -1.04 9.94
N ALA A 187 -4.96 -1.95 9.11
CA ALA A 187 -3.53 -2.25 9.10
C ALA A 187 -2.71 -1.06 8.60
N THR A 188 -3.08 -0.52 7.43
CA THR A 188 -2.26 0.51 6.80
C THR A 188 -2.28 1.81 7.61
N ALA A 189 -3.44 2.18 8.14
CA ALA A 189 -3.53 3.39 8.95
C ALA A 189 -2.76 3.24 10.25
N GLN A 190 -2.81 2.04 10.86
CA GLN A 190 -2.05 1.78 12.07
C GLN A 190 -0.56 1.88 11.81
N GLY A 191 -0.10 1.30 10.69
CA GLY A 191 1.31 1.43 10.34
C GLY A 191 1.72 2.85 10.10
N ALA A 192 0.87 3.62 9.41
CA ALA A 192 1.16 5.03 9.18
C ALA A 192 1.22 5.80 10.49
N ILE A 193 0.35 5.47 11.43
CA ILE A 193 0.38 6.11 12.75
C ILE A 193 1.68 5.79 13.47
N PHE A 194 2.13 4.55 13.38
CA PHE A 194 3.41 4.18 14.00
C PHE A 194 4.57 4.96 13.38
N THR A 195 4.58 5.07 12.05
CA THR A 195 5.67 5.82 11.40
C THR A 195 5.61 7.30 11.75
N ILE A 196 4.40 7.86 11.86
CA ILE A 196 4.26 9.27 12.23
C ILE A 196 4.75 9.49 13.65
N ARG A 197 4.41 8.57 14.56
CA ARG A 197 4.90 8.67 15.94
C ARG A 197 6.42 8.62 15.99
N GLU A 198 7.02 7.71 15.23
CA GLU A 198 8.48 7.65 15.19
C GLU A 198 9.08 8.90 14.55
N ALA A 199 8.44 9.44 13.51
CA ALA A 199 8.95 10.65 12.87
C ALA A 199 8.93 11.84 13.83
N ALA A 200 7.85 11.97 14.60
CA ALA A 200 7.79 12.98 15.65
C ALA A 200 8.84 12.76 16.72
N LYS A 201 9.04 11.53 17.17
CA LYS A 201 10.12 11.23 18.11
C LYS A 201 11.48 11.60 17.56
N ALA A 202 11.70 11.43 16.26
CA ALA A 202 12.96 11.75 15.62
C ALA A 202 13.13 13.24 15.33
N LEU A 203 12.05 14.03 15.39
CA LEU A 203 12.14 15.46 15.16
C LEU A 203 12.17 16.27 16.45
N GLY A 204 11.72 15.71 17.56
CA GLY A 204 11.68 16.44 18.81
C GLY A 204 10.42 17.26 19.01
N ILE A 205 9.36 16.96 18.28
CA ILE A 205 8.09 17.66 18.39
C ILE A 205 7.05 16.74 19.01
N ASP A 206 6.39 17.25 20.05
CA ASP A 206 5.39 16.49 20.80
C ASP A 206 4.04 16.63 20.11
N LEU A 207 3.44 15.50 19.75
CA LEU A 207 2.31 15.49 18.82
C LEU A 207 0.96 15.78 19.45
N LYS A 208 0.82 15.71 20.77
CA LYS A 208 -0.50 15.93 21.36
C LYS A 208 -0.95 17.36 21.12
N GLY A 209 -2.20 17.53 20.71
CA GLY A 209 -2.73 18.84 20.38
C GLY A 209 -2.16 19.46 19.11
N LYS A 210 -1.63 18.67 18.19
CA LYS A 210 -1.08 19.20 16.95
C LYS A 210 -2.04 18.97 15.78
N LYS A 211 -2.06 19.94 14.87
CA LYS A 211 -2.94 19.92 13.71
C LYS A 211 -2.51 18.83 12.72
N ILE A 212 -3.50 18.14 12.17
CA ILE A 212 -3.27 17.15 11.12
C ILE A 212 -4.38 17.28 10.08
N ALA A 213 -4.00 17.18 8.81
CA ALA A 213 -4.95 17.22 7.69
C ALA A 213 -4.75 15.95 6.88
N VAL A 214 -5.84 15.28 6.54
CA VAL A 214 -5.81 14.04 5.78
C VAL A 214 -6.61 14.24 4.51
N GLN A 215 -5.99 14.01 3.36
CA GLN A 215 -6.65 14.17 2.07
C GLN A 215 -7.14 12.82 1.58
N GLY A 216 -8.45 12.71 1.36
CA GLY A 216 -9.04 11.47 0.91
C GLY A 216 -9.62 10.70 2.08
N TYR A 217 -10.95 10.76 2.23
CA TYR A 217 -11.62 10.17 3.39
C TYR A 217 -12.11 8.76 3.04
N GLY A 218 -11.18 7.96 2.52
CA GLY A 218 -11.46 6.58 2.19
C GLY A 218 -11.24 5.68 3.40
N ASN A 219 -11.01 4.39 3.11
CA ASN A 219 -10.72 3.44 4.18
C ASN A 219 -9.42 3.81 4.90
N ALA A 220 -8.39 4.16 4.14
CA ALA A 220 -7.11 4.51 4.75
C ALA A 220 -7.15 5.86 5.44
N GLY A 221 -7.69 6.88 4.78
CA GLY A 221 -7.72 8.23 5.32
C GLY A 221 -8.55 8.40 6.56
N TYR A 222 -9.76 7.83 6.55
CA TYR A 222 -10.64 7.92 7.71
C TYR A 222 -10.00 7.27 8.92
N TYR A 223 -9.41 6.08 8.74
CA TYR A 223 -8.80 5.40 9.88
C TYR A 223 -7.51 6.10 10.31
N THR A 224 -6.79 6.71 9.35
CA THR A 224 -5.62 7.51 9.71
C THR A 224 -6.02 8.66 10.63
N ALA A 225 -7.06 9.40 10.26
CA ALA A 225 -7.55 10.48 11.12
C ALA A 225 -8.06 9.95 12.45
N LYS A 226 -8.81 8.84 12.45
CA LYS A 226 -9.38 8.32 13.67
C LYS A 226 -8.30 7.87 14.65
N LEU A 227 -7.26 7.19 14.16
CA LEU A 227 -6.19 6.75 15.03
C LEU A 227 -5.27 7.89 15.42
N ALA A 228 -5.11 8.90 14.56
CA ALA A 228 -4.34 10.08 14.93
C ALA A 228 -5.01 10.82 16.08
N LYS A 229 -6.34 10.90 16.07
CA LYS A 229 -7.07 11.56 17.14
C LYS A 229 -7.06 10.72 18.42
N GLU A 230 -7.02 9.39 18.24
CA GLU A 230 -7.24 8.49 19.36
C GLU A 230 -5.97 8.16 20.13
N GLN A 231 -4.99 7.54 19.48
CA GLN A 231 -3.79 7.11 20.17
C GLN A 231 -2.62 8.09 20.07
N LEU A 232 -2.61 8.98 19.09
CA LEU A 232 -1.55 9.97 18.97
C LEU A 232 -1.93 11.32 19.59
N GLY A 233 -3.19 11.51 19.96
CA GLY A 233 -3.63 12.77 20.52
C GLY A 233 -3.52 13.93 19.56
N MET A 234 -3.67 13.67 18.26
CA MET A 234 -3.63 14.72 17.25
C MET A 234 -4.94 15.50 17.28
N THR A 235 -5.09 16.43 16.34
CA THR A 235 -6.29 17.26 16.20
C THR A 235 -6.62 17.32 14.71
N VAL A 236 -7.58 16.50 14.27
CA VAL A 236 -7.95 16.46 12.83
C VAL A 236 -8.75 17.72 12.50
N VAL A 237 -8.09 18.75 11.96
CA VAL A 237 -8.78 20.04 11.69
C VAL A 237 -9.34 20.06 10.26
N ALA A 238 -8.79 19.23 9.36
CA ALA A 238 -9.22 19.26 7.97
C ALA A 238 -9.17 17.85 7.39
N VAL A 239 -10.23 17.48 6.67
CA VAL A 239 -10.24 16.28 5.84
C VAL A 239 -10.78 16.68 4.48
N SER A 240 -10.49 15.86 3.47
CA SER A 240 -10.90 16.17 2.11
C SER A 240 -11.45 14.91 1.47
N ASP A 241 -11.82 15.02 0.20
CA ASP A 241 -12.47 13.91 -0.50
C ASP A 241 -12.27 14.05 -2.01
N SER A 242 -13.11 13.39 -2.79
CA SER A 242 -13.13 13.54 -4.25
C SER A 242 -13.95 14.73 -4.70
N ARG A 243 -15.05 15.06 -3.99
CA ARG A 243 -15.85 16.22 -4.37
C ARG A 243 -15.24 17.50 -3.82
N GLY A 244 -14.78 17.49 -2.58
CA GLY A 244 -14.23 18.69 -1.98
C GLY A 244 -13.54 18.39 -0.67
N GLY A 245 -13.66 19.33 0.27
CA GLY A 245 -13.04 19.17 1.57
C GLY A 245 -13.68 20.09 2.59
N ILE A 246 -13.47 19.76 3.86
CA ILE A 246 -13.97 20.56 4.97
C ILE A 246 -12.81 20.92 5.88
N TYR A 247 -12.96 22.01 6.61
CA TYR A 247 -11.95 22.50 7.53
C TYR A 247 -12.61 23.13 8.76
N ASN A 248 -12.07 22.82 9.93
CA ASN A 248 -12.55 23.40 11.17
C ASN A 248 -11.36 23.74 12.07
N PRO A 249 -11.26 24.98 12.54
CA PRO A 249 -10.13 25.34 13.42
C PRO A 249 -10.08 24.55 14.71
N ASP A 250 -11.25 24.19 15.25
CA ASP A 250 -11.29 23.45 16.55
C ASP A 250 -11.02 21.97 16.29
N GLY A 251 -11.31 21.48 15.09
CA GLY A 251 -11.08 20.06 14.73
C GLY A 251 -12.37 19.33 14.41
N LEU A 252 -12.26 18.12 13.85
CA LEU A 252 -13.47 17.33 13.46
C LEU A 252 -13.42 15.95 14.13
N ASP A 253 -14.58 15.36 14.39
CA ASP A 253 -14.63 13.98 14.98
C ASP A 253 -14.79 12.97 13.85
N PRO A 254 -13.81 12.08 13.60
CA PRO A 254 -13.89 11.15 12.47
C PRO A 254 -15.17 10.32 12.42
N ASP A 255 -15.72 9.92 13.57
CA ASP A 255 -16.95 9.15 13.57
C ASP A 255 -18.11 9.92 12.97
N GLU A 256 -18.27 11.20 13.33
CA GLU A 256 -19.35 12.01 12.78
C GLU A 256 -19.19 12.22 11.28
N VAL A 257 -17.96 12.55 10.86
CA VAL A 257 -17.68 12.78 9.45
C VAL A 257 -17.99 11.54 8.63
N LEU A 258 -17.55 10.38 9.11
CA LEU A 258 -17.89 9.13 8.41
C LEU A 258 -19.39 8.85 8.46
N LYS A 259 -20.03 9.21 9.57
CA LYS A 259 -21.51 9.05 9.63
C LYS A 259 -22.13 9.92 8.54
N TRP A 260 -21.74 11.18 8.42
CA TRP A 260 -22.27 12.12 7.40
C TRP A 260 -22.06 11.59 5.99
N LYS A 261 -20.88 11.00 5.73
CA LYS A 261 -20.57 10.46 4.38
C LYS A 261 -21.64 9.44 3.98
N ARG A 262 -22.33 8.84 4.96
CA ARG A 262 -23.31 7.77 4.64
C ARG A 262 -24.67 8.36 4.27
N GLU A 263 -24.98 9.58 4.71
CA GLU A 263 -26.34 10.14 4.46
C GLU A 263 -26.30 11.13 3.30
N HIS A 264 -25.16 11.74 3.02
CA HIS A 264 -25.11 12.76 1.98
C HIS A 264 -23.93 12.49 1.05
N GLY A 265 -23.88 13.20 -0.07
CA GLY A 265 -22.80 13.03 -1.02
C GLY A 265 -21.46 13.44 -0.46
N SER A 266 -20.57 12.46 -0.26
CA SER A 266 -19.20 12.71 0.19
C SER A 266 -19.15 13.44 1.52
N VAL A 267 -18.13 14.28 1.69
CA VAL A 267 -17.91 15.00 2.93
C VAL A 267 -18.26 16.48 2.80
N LYS A 268 -18.72 16.90 1.62
CA LYS A 268 -19.02 18.30 1.36
C LYS A 268 -20.14 18.79 2.26
N ASP A 269 -20.05 20.07 2.65
CA ASP A 269 -21.05 20.76 3.47
C ASP A 269 -21.18 20.13 4.87
N PHE A 270 -20.08 20.26 5.63
CA PHE A 270 -20.12 19.81 7.04
C PHE A 270 -20.78 20.92 7.84
N PRO A 271 -21.63 20.60 8.84
CA PRO A 271 -22.40 21.60 9.59
C PRO A 271 -21.54 22.69 10.22
N GLY A 272 -20.55 22.29 11.01
CA GLY A 272 -19.70 23.23 11.72
C GLY A 272 -18.40 23.61 11.05
N ALA A 273 -18.11 23.07 9.88
CA ALA A 273 -16.83 23.33 9.23
C ALA A 273 -17.01 24.17 7.97
N THR A 274 -15.89 24.54 7.36
CA THR A 274 -15.86 25.37 6.17
C THR A 274 -15.52 24.53 4.94
N ASN A 275 -16.30 24.70 3.89
CA ASN A 275 -16.08 23.96 2.65
C ASN A 275 -14.86 24.51 1.92
N ILE A 276 -13.81 23.70 1.84
CA ILE A 276 -12.58 24.06 1.14
C ILE A 276 -12.33 23.02 0.06
N THR A 277 -11.34 23.32 -0.80
CA THR A 277 -10.95 22.42 -1.86
C THR A 277 -9.77 21.54 -1.44
N ASN A 278 -9.18 20.75 -2.46
CA ASN A 278 -8.10 19.83 -2.17
C ASN A 278 -6.75 20.54 -2.08
N GLU A 279 -6.46 21.49 -3.00
CA GLU A 279 -5.21 22.25 -2.93
C GLU A 279 -5.13 23.08 -1.66
N GLU A 280 -6.26 23.64 -1.20
CA GLU A 280 -6.29 24.40 0.03
C GLU A 280 -5.90 23.56 1.24
N LEU A 281 -6.41 22.34 1.34
CA LEU A 281 -5.97 21.41 2.38
C LEU A 281 -4.51 21.04 2.25
N LEU A 282 -4.00 20.90 1.02
CA LEU A 282 -2.59 20.60 0.84
C LEU A 282 -1.69 21.71 1.38
N GLU A 283 -1.99 22.95 1.02
CA GLU A 283 -1.20 24.10 1.49
C GLU A 283 -1.84 24.72 2.73
N LEU A 284 -2.09 23.89 3.73
CA LEU A 284 -2.74 24.33 4.95
C LEU A 284 -1.81 24.12 6.14
N GLU A 285 -1.94 25.00 7.13
CA GLU A 285 -1.07 25.00 8.32
C GLU A 285 -1.47 23.86 9.24
N VAL A 286 -0.84 22.71 9.05
CA VAL A 286 -0.99 21.56 9.93
C VAL A 286 0.39 20.97 10.20
N ASP A 287 0.50 20.29 11.34
CA ASP A 287 1.75 19.65 11.72
C ASP A 287 2.06 18.42 10.87
N VAL A 288 1.08 17.56 10.63
CA VAL A 288 1.27 16.36 9.84
C VAL A 288 0.28 16.37 8.68
N LEU A 289 0.77 16.13 7.47
CA LEU A 289 -0.05 16.03 6.27
C LEU A 289 -0.11 14.59 5.82
N ALA A 290 -1.33 14.08 5.59
CA ALA A 290 -1.55 12.67 5.24
C ALA A 290 -2.39 12.60 3.97
N PRO A 291 -1.76 12.76 2.80
CA PRO A 291 -2.49 12.59 1.54
C PRO A 291 -2.76 11.14 1.20
N ALA A 292 -3.86 10.60 1.71
CA ALA A 292 -4.29 9.22 1.42
C ALA A 292 -5.20 9.15 0.20
N ALA A 293 -5.18 10.18 -0.65
CA ALA A 293 -5.97 10.24 -1.87
C ALA A 293 -5.18 9.69 -3.06
N ILE A 294 -5.65 10.00 -4.27
CA ILE A 294 -4.98 9.58 -5.50
C ILE A 294 -3.57 10.16 -5.57
N GLU A 295 -2.74 9.62 -6.45
CA GLU A 295 -1.34 9.97 -6.55
C GLU A 295 -1.14 11.32 -7.26
N GLU A 296 0.09 11.83 -7.16
CA GLU A 296 0.52 13.05 -7.84
C GLU A 296 -0.35 14.25 -7.46
N VAL A 297 -0.44 14.51 -6.15
CA VAL A 297 -1.18 15.65 -5.63
C VAL A 297 -0.26 16.75 -5.14
N ILE A 298 0.90 16.39 -4.58
CA ILE A 298 1.94 17.35 -4.24
C ILE A 298 2.89 17.35 -5.44
N THR A 299 2.86 18.45 -6.19
CA THR A 299 3.68 18.59 -7.38
C THR A 299 4.47 19.89 -7.34
N GLU A 300 5.28 20.14 -8.36
CA GLU A 300 6.11 21.34 -8.46
C GLU A 300 5.30 22.63 -8.40
N LYS A 301 4.03 22.60 -8.81
CA LYS A 301 3.16 23.77 -8.76
C LYS A 301 2.79 24.16 -7.33
N ASN A 302 2.66 23.18 -6.43
CA ASN A 302 2.27 23.49 -5.06
C ASN A 302 3.29 22.97 -4.05
N ALA A 303 4.46 22.54 -4.54
CA ALA A 303 5.47 21.98 -3.64
C ALA A 303 5.97 23.04 -2.65
N ASP A 304 6.21 24.26 -3.13
CA ASP A 304 6.72 25.32 -2.26
C ASP A 304 5.64 25.95 -1.38
N ASN A 305 4.38 25.60 -1.59
CA ASN A 305 3.32 26.10 -0.72
C ASN A 305 3.07 25.20 0.49
N ILE A 306 3.70 24.01 0.52
CA ILE A 306 3.47 23.08 1.62
C ILE A 306 4.11 23.63 2.89
N LYS A 307 3.34 23.64 3.98
CA LYS A 307 3.84 24.07 5.28
C LYS A 307 3.64 23.02 6.36
N ALA A 308 3.75 21.74 6.04
CA ALA A 308 3.60 20.69 7.04
C ALA A 308 4.95 20.07 7.37
N LYS A 309 5.27 20.06 8.67
CA LYS A 309 6.57 19.56 9.11
C LYS A 309 6.75 18.08 8.78
N ILE A 310 5.66 17.32 8.75
CA ILE A 310 5.68 15.91 8.41
C ILE A 310 4.67 15.65 7.31
N VAL A 311 5.13 15.10 6.19
CA VAL A 311 4.27 14.71 5.08
C VAL A 311 4.29 13.18 5.05
N ALA A 312 3.19 12.57 5.50
CA ALA A 312 3.09 11.12 5.56
C ALA A 312 2.45 10.62 4.27
N GLU A 313 3.19 9.80 3.53
CA GLU A 313 2.71 9.28 2.26
C GLU A 313 1.91 7.99 2.44
N VAL A 314 0.66 8.12 2.91
CA VAL A 314 -0.21 6.95 3.01
C VAL A 314 -0.56 6.38 1.65
N ALA A 315 -0.74 7.23 0.64
CA ALA A 315 -1.08 6.80 -0.70
C ALA A 315 0.14 6.24 -1.42
N ASN A 316 -0.09 5.70 -2.62
CA ASN A 316 1.04 5.17 -3.41
C ASN A 316 1.41 6.22 -4.47
N GLY A 317 2.46 7.02 -4.22
CA GLY A 317 2.93 8.00 -5.20
C GLY A 317 2.30 9.37 -5.04
N PRO A 318 2.11 9.93 -3.84
CA PRO A 318 1.42 11.20 -3.72
C PRO A 318 2.37 12.38 -3.96
N VAL A 319 3.67 12.12 -4.08
CA VAL A 319 4.66 13.17 -4.23
C VAL A 319 5.55 12.87 -5.42
N THR A 320 5.74 13.89 -6.27
CA THR A 320 6.56 13.80 -7.47
C THR A 320 8.04 13.95 -7.14
N PRO A 321 8.92 13.40 -7.99
CA PRO A 321 10.37 13.42 -7.67
C PRO A 321 10.96 14.80 -7.47
N GLU A 322 10.52 15.83 -8.20
CA GLU A 322 11.05 17.17 -7.96
C GLU A 322 10.46 17.76 -6.68
N ALA A 323 9.21 17.41 -6.37
CA ALA A 323 8.63 17.82 -5.10
C ALA A 323 9.40 17.23 -3.93
N ASP A 324 9.97 16.03 -4.06
CA ASP A 324 10.80 15.45 -3.02
C ASP A 324 11.97 16.37 -2.66
N ASP A 325 12.73 16.81 -3.70
CA ASP A 325 13.87 17.70 -3.48
C ASP A 325 13.43 19.04 -2.94
N ILE A 326 12.31 19.57 -3.45
CA ILE A 326 11.82 20.86 -2.97
C ILE A 326 11.45 20.78 -1.49
N LEU A 327 10.74 19.73 -1.09
CA LEU A 327 10.39 19.54 0.31
C LEU A 327 11.61 19.32 1.19
N ARG A 328 12.61 18.57 0.72
CA ARG A 328 13.84 18.42 1.48
C ARG A 328 14.54 19.75 1.68
N GLU A 329 14.60 20.59 0.64
CA GLU A 329 15.17 21.92 0.81
C GLU A 329 14.39 22.74 1.83
N LYS A 330 13.07 22.58 1.88
CA LYS A 330 12.24 23.29 2.83
C LYS A 330 12.32 22.72 4.24
N GLY A 331 13.06 21.63 4.43
CA GLY A 331 13.22 21.03 5.75
C GLY A 331 12.00 20.30 6.25
N ILE A 332 11.31 19.60 5.35
CA ILE A 332 10.10 18.84 5.68
C ILE A 332 10.44 17.36 5.69
N LEU A 333 10.13 16.68 6.79
CA LEU A 333 10.41 15.26 6.89
C LEU A 333 9.38 14.46 6.09
N GLN A 334 9.87 13.77 5.09
CA GLN A 334 8.98 13.04 4.21
C GLN A 334 9.14 11.53 4.42
N ILE A 335 8.03 10.86 4.73
CA ILE A 335 8.00 9.41 4.95
C ILE A 335 7.68 8.75 3.62
N PRO A 336 8.59 7.93 3.07
CA PRO A 336 8.34 7.33 1.75
C PRO A 336 7.08 6.46 1.77
N ASP A 337 6.40 6.43 0.62
CA ASP A 337 5.10 5.76 0.55
C ASP A 337 5.21 4.26 0.84
N PHE A 338 6.19 3.57 0.25
CA PHE A 338 6.30 2.13 0.43
C PHE A 338 6.85 1.76 1.81
N LEU A 339 7.30 2.75 2.57
CA LEU A 339 7.54 2.57 4.00
C LEU A 339 6.37 2.97 4.87
N CYS A 340 5.67 4.07 4.56
CA CYS A 340 4.59 4.57 5.42
C CYS A 340 3.42 3.61 5.47
N ASN A 341 2.97 3.11 4.32
CA ASN A 341 1.79 2.24 4.25
C ASN A 341 2.17 0.77 4.17
N ALA A 342 3.33 0.39 4.73
CA ALA A 342 3.74 -1.00 4.77
C ALA A 342 3.02 -1.81 5.85
N GLY A 343 2.21 -1.15 6.69
CA GLY A 343 1.46 -1.88 7.69
C GLY A 343 0.46 -2.86 7.11
N GLY A 344 -0.14 -2.51 5.97
CA GLY A 344 -1.07 -3.44 5.35
C GLY A 344 -0.42 -4.74 4.93
N VAL A 345 0.72 -4.65 4.24
CA VAL A 345 1.45 -5.86 3.85
C VAL A 345 2.02 -6.58 5.06
N THR A 346 2.40 -5.86 6.12
CA THR A 346 2.89 -6.53 7.33
C THR A 346 1.78 -7.36 7.97
N VAL A 347 0.58 -6.81 8.09
CA VAL A 347 -0.51 -7.57 8.69
C VAL A 347 -0.96 -8.69 7.77
N SER A 348 -0.89 -8.50 6.45
CA SER A 348 -1.13 -9.61 5.53
C SER A 348 -0.11 -10.73 5.75
N TYR A 349 1.14 -10.35 5.99
CA TYR A 349 2.17 -11.35 6.30
C TYR A 349 1.84 -12.09 7.59
N PHE A 350 1.35 -11.36 8.60
CA PHE A 350 0.93 -12.00 9.84
C PHE A 350 -0.20 -12.99 9.59
N GLU A 351 -1.16 -12.61 8.76
CA GLU A 351 -2.25 -13.52 8.41
C GLU A 351 -1.73 -14.77 7.71
N TRP A 352 -0.79 -14.59 6.79
CA TRP A 352 -0.20 -15.73 6.10
C TRP A 352 0.53 -16.66 7.07
N VAL A 353 1.26 -16.08 8.02
CA VAL A 353 1.96 -16.88 9.02
C VAL A 353 0.95 -17.69 9.85
N GLN A 354 -0.14 -17.04 10.26
CA GLN A 354 -1.17 -17.76 11.01
C GLN A 354 -1.80 -18.86 10.19
N ASN A 355 -2.03 -18.63 8.90
CA ASN A 355 -2.60 -19.66 8.03
C ASN A 355 -1.66 -20.84 7.87
N ILE A 356 -0.36 -20.59 7.69
CA ILE A 356 0.56 -21.69 7.45
C ILE A 356 0.89 -22.43 8.75
N ASN A 357 0.74 -21.76 9.89
CA ASN A 357 1.00 -22.43 11.16
C ASN A 357 -0.23 -23.17 11.70
N GLY A 358 -1.42 -22.81 11.25
CA GLY A 358 -2.64 -23.37 11.78
C GLY A 358 -3.04 -22.84 13.14
N TYR A 359 -2.36 -21.81 13.64
CA TYR A 359 -2.64 -21.19 14.93
C TYR A 359 -2.83 -19.70 14.70
N TYR A 360 -3.75 -19.09 15.43
CA TYR A 360 -4.15 -17.72 15.17
C TYR A 360 -3.92 -16.84 16.40
N TRP A 361 -3.53 -15.59 16.15
CA TRP A 361 -3.15 -14.66 17.19
C TRP A 361 -4.33 -13.76 17.56
N THR A 362 -4.18 -13.01 18.65
CA THR A 362 -5.21 -12.08 19.10
C THR A 362 -4.91 -10.68 18.55
N GLU A 363 -5.79 -9.73 18.87
CA GLU A 363 -5.58 -8.34 18.48
C GLU A 363 -4.28 -7.78 19.03
N GLU A 364 -4.01 -8.02 20.33
CA GLU A 364 -2.87 -7.41 20.99
C GLU A 364 -1.55 -7.91 20.40
N GLU A 365 -1.45 -9.21 20.13
CA GLU A 365 -0.22 -9.75 19.56
C GLU A 365 0.06 -9.15 18.20
N VAL A 366 -0.98 -9.08 17.35
CA VAL A 366 -0.82 -8.50 16.02
C VAL A 366 -0.39 -7.04 16.12
N ARG A 367 -1.04 -6.28 17.02
CA ARG A 367 -0.72 -4.87 17.15
C ARG A 367 0.72 -4.65 17.61
N GLU A 368 1.16 -5.41 18.62
CA GLU A 368 2.52 -5.25 19.13
C GLU A 368 3.55 -5.66 18.08
N LYS A 369 3.28 -6.75 17.36
CA LYS A 369 4.21 -7.18 16.32
C LYS A 369 4.31 -6.14 15.22
N LEU A 370 3.18 -5.57 14.80
CA LEU A 370 3.19 -4.53 13.78
C LEU A 370 3.94 -3.29 14.27
N ASP A 371 3.74 -2.93 15.54
CA ASP A 371 4.45 -1.79 16.10
C ASP A 371 5.96 -2.00 16.04
N LYS A 372 6.42 -3.19 16.44
CA LYS A 372 7.85 -3.48 16.40
C LYS A 372 8.39 -3.43 14.97
N LYS A 373 7.74 -4.09 14.03
CA LYS A 373 8.35 -4.05 12.68
C LYS A 373 8.32 -2.61 12.15
N MET A 374 7.22 -1.83 12.26
CA MET A 374 7.23 -0.50 11.66
C MET A 374 8.25 0.40 12.34
N THR A 375 8.42 0.25 13.66
CA THR A 375 9.43 1.04 14.36
C THR A 375 10.83 0.71 13.85
N LYS A 376 11.14 -0.59 13.74
CA LYS A 376 12.44 -0.99 13.22
C LYS A 376 12.65 -0.48 11.80
N ALA A 377 11.62 -0.59 10.96
CA ALA A 377 11.76 -0.16 9.57
C ALA A 377 12.01 1.34 9.48
N PHE A 378 11.22 2.14 10.20
CA PHE A 378 11.40 3.59 10.16
C PHE A 378 12.77 3.98 10.68
N TRP A 379 13.23 3.35 11.76
CA TRP A 379 14.53 3.72 12.32
C TRP A 379 15.65 3.35 11.37
N GLU A 380 15.55 2.21 10.69
CA GLU A 380 16.56 1.86 9.70
C GLU A 380 16.61 2.88 8.59
N VAL A 381 15.43 3.28 8.07
CA VAL A 381 15.41 4.25 6.97
C VAL A 381 15.94 5.60 7.42
N TYR A 382 15.55 6.05 8.61
CA TYR A 382 15.98 7.36 9.10
C TYR A 382 17.47 7.38 9.40
N ASN A 383 18.00 6.29 9.95
CA ASN A 383 19.44 6.20 10.18
C ASN A 383 20.21 6.21 8.87
N THR A 384 19.72 5.49 7.85
CA THR A 384 20.34 5.57 6.53
C THR A 384 20.30 6.97 5.96
N HIS A 385 19.17 7.66 6.09
CA HIS A 385 19.00 9.04 5.64
C HIS A 385 19.94 10.01 6.35
N LYS A 386 20.14 9.86 7.65
CA LYS A 386 21.05 10.72 8.41
C LYS A 386 22.52 10.42 8.17
N ASP A 387 22.92 9.16 8.13
CA ASP A 387 24.33 8.80 7.98
C ASP A 387 24.89 9.08 6.59
N LYS A 388 24.03 9.34 5.61
CA LYS A 388 24.47 9.54 4.23
C LYS A 388 24.08 10.88 3.64
N ASN A 389 23.23 11.65 4.33
CA ASN A 389 22.74 12.94 3.84
C ASN A 389 22.06 12.78 2.48
N ILE A 390 20.98 12.01 2.49
CA ILE A 390 20.18 11.76 1.30
C ILE A 390 18.70 11.92 1.66
N HIS A 391 17.88 12.05 0.63
CA HIS A 391 16.43 12.13 0.85
C HIS A 391 15.93 10.81 1.42
N MET A 392 14.85 10.91 2.21
CA MET A 392 14.33 9.73 2.91
C MET A 392 13.91 8.65 1.91
N ARG A 393 13.42 9.06 0.75
CA ARG A 393 13.07 8.11 -0.30
C ARG A 393 14.31 7.35 -0.77
N ASP A 394 15.42 8.07 -0.93
CA ASP A 394 16.68 7.42 -1.30
C ASP A 394 17.12 6.44 -0.23
N ALA A 395 16.99 6.82 1.04
CA ALA A 395 17.39 5.92 2.12
C ALA A 395 16.52 4.66 2.15
N ALA A 396 15.21 4.82 1.96
CA ALA A 396 14.33 3.65 1.92
C ALA A 396 14.67 2.74 0.75
N TYR A 397 14.95 3.33 -0.43
CA TYR A 397 15.37 2.52 -1.56
C TYR A 397 16.67 1.80 -1.28
N VAL A 398 17.63 2.48 -0.65
CA VAL A 398 18.89 1.85 -0.29
C VAL A 398 18.63 0.65 0.61
N VAL A 399 17.83 0.83 1.66
CA VAL A 399 17.56 -0.25 2.60
C VAL A 399 16.88 -1.43 1.91
N ALA A 400 15.88 -1.18 1.07
CA ALA A 400 15.16 -2.29 0.44
C ALA A 400 16.01 -3.01 -0.59
N VAL A 401 16.65 -2.25 -1.50
CA VAL A 401 17.42 -2.87 -2.57
C VAL A 401 18.66 -3.56 -2.00
N SER A 402 19.16 -3.09 -0.86
CA SER A 402 20.27 -3.78 -0.22
C SER A 402 19.87 -5.19 0.20
N ARG A 403 18.69 -5.32 0.82
CA ARG A 403 18.21 -6.65 1.20
C ARG A 403 17.97 -7.53 -0.02
N VAL A 404 17.34 -6.97 -1.06
CA VAL A 404 17.05 -7.78 -2.25
C VAL A 404 18.35 -8.22 -2.93
N TYR A 405 19.31 -7.29 -3.04
CA TYR A 405 20.60 -7.58 -3.64
C TYR A 405 21.36 -8.62 -2.84
N GLN A 406 21.30 -8.53 -1.51
CA GLN A 406 21.95 -9.53 -0.67
C GLN A 406 21.33 -10.91 -0.88
N ALA A 407 20.01 -10.97 -0.97
CA ALA A 407 19.36 -12.26 -1.22
C ALA A 407 19.76 -12.82 -2.58
N MET A 408 19.83 -11.96 -3.60
CA MET A 408 20.23 -12.41 -4.93
C MET A 408 21.67 -12.92 -4.93
N LYS A 409 22.56 -12.25 -4.20
CA LYS A 409 23.94 -12.70 -4.11
C LYS A 409 24.05 -14.02 -3.35
N ASP A 410 23.27 -14.16 -2.27
CA ASP A 410 23.29 -15.41 -1.51
C ASP A 410 22.79 -16.58 -2.35
N ARG A 411 21.73 -16.37 -3.13
CA ARG A 411 21.21 -17.43 -3.99
C ARG A 411 22.18 -17.77 -5.11
N GLY A 412 23.11 -16.87 -5.41
CA GLY A 412 23.95 -17.02 -6.58
C GLY A 412 23.33 -16.60 -7.87
N TRP A 413 22.20 -15.89 -7.84
CA TRP A 413 21.59 -15.39 -9.07
C TRP A 413 22.53 -14.44 -9.80
N VAL A 414 23.12 -13.50 -9.08
CA VAL A 414 24.17 -12.63 -9.60
C VAL A 414 25.42 -12.87 -8.78
N LYS A 415 26.59 -12.62 -9.38
CA LYS A 415 27.84 -12.93 -8.72
C LYS A 415 28.44 -11.67 -8.07
N LYS A 416 28.67 -10.64 -8.88
CA LYS A 416 29.28 -9.40 -8.35
C LYS A 416 28.17 -8.46 -7.86
PA NAP B . -10.58 4.17 -1.31
O1A NAP B . -11.05 3.72 -2.65
O2A NAP B . -11.15 3.50 -0.10
O5B NAP B . -10.77 5.76 -1.18
C5B NAP B . -9.70 6.63 -1.62
C4B NAP B . -10.05 8.04 -1.21
O4B NAP B . -9.54 8.96 -2.19
C3B NAP B . -11.55 8.35 -1.11
O3B NAP B . -11.82 9.32 -0.10
C2B NAP B . -11.83 8.96 -2.46
O2B NAP B . -12.97 9.81 -2.48
C1B NAP B . -10.58 9.81 -2.60
N9A NAP B . -10.36 10.28 -3.95
C8A NAP B . -10.69 9.62 -5.11
N7A NAP B . -10.41 10.31 -6.18
C5A NAP B . -9.88 11.49 -5.71
C6A NAP B . -9.39 12.63 -6.37
N6A NAP B . -9.36 12.76 -7.68
N1A NAP B . -8.93 13.64 -5.59
C2A NAP B . -8.96 13.50 -4.27
N3A NAP B . -9.40 12.48 -3.54
C4A NAP B . -9.85 11.49 -4.33
O3 NAP B . -8.98 4.05 -1.26
PN NAP B . -7.98 3.76 -0.05
O1N NAP B . -7.88 2.29 0.14
O2N NAP B . -8.38 4.60 1.12
O5D NAP B . -6.61 4.32 -0.67
P2B NAP B . -14.36 9.10 -2.86
O1X NAP B . -15.39 10.20 -2.85
O2X NAP B . -14.65 8.04 -1.84
O3X NAP B . -14.17 8.52 -4.25
N GLU C . 0.69 -3.05 0.41
CA GLU C . -0.31 -3.80 -0.33
C GLU C . -1.11 -2.89 -1.26
O GLU C . -2.06 -2.27 -0.79
CB GLU C . -1.26 -4.53 0.63
CG GLU C . -1.75 -5.87 0.11
CD GLU C . -0.85 -7.03 0.49
OE1 GLU C . -0.98 -7.54 1.62
OE2 GLU C . -0.01 -7.42 -0.33
OXT GLU C . -0.78 -2.82 -2.45
#